data_9H7C
#
_entry.id   9H7C
#
_cell.length_a   42.034
_cell.length_b   85.040
_cell.length_c   63.639
_cell.angle_alpha   90.00
_cell.angle_beta   90.00
_cell.angle_gamma   90.00
#
_symmetry.space_group_name_H-M   'P 21 21 2'
#
loop_
_entity.id
_entity.type
_entity.pdbx_description
1 polymer Transthyretin
2 non-polymer 'CALCIUM ION'
3 non-polymer 4-(1H-IMIDAZOL-1-YL)PHENOL
4 water water
#
_entity_poly.entity_id   1
_entity_poly.type   'polypeptide(L)'
_entity_poly.pdbx_seq_one_letter_code
;GPTGTGESKCPLMVKVLDAVRGSPAINVAVHVFRKAADDTWEPFASGKTSESGELHGLTTEEEFVEGIYKVEIDTKSYWK
ALGISPFHEHAEVVFTANDSGPRRYTIAALLSPYSYSTTAVVTNPKE
;
_entity_poly.pdbx_strand_id   A,B
#
loop_
_chem_comp.id
_chem_comp.type
_chem_comp.name
_chem_comp.formula
CA non-polymer 'CALCIUM ION' 'Ca 2'
MSR non-polymer 4-(1H-IMIDAZOL-1-YL)PHENOL 'C9 H8 N2 O'
#
# COMPACT_ATOMS: atom_id res chain seq x y z
N CYS A 10 -2.24 18.31 -14.90
CA CYS A 10 -2.30 16.92 -14.40
C CYS A 10 -1.00 16.50 -13.71
N PRO A 11 -0.69 17.08 -12.54
CA PRO A 11 0.47 16.53 -11.88
C PRO A 11 0.31 15.21 -11.11
N LEU A 12 -0.89 14.77 -10.90
CA LEU A 12 -1.14 13.51 -10.16
C LEU A 12 -2.31 12.83 -10.91
N MET A 13 -2.08 11.63 -11.39
CA MET A 13 -3.09 10.82 -12.05
C MET A 13 -3.09 9.46 -11.42
N VAL A 14 -4.23 8.85 -11.35
CA VAL A 14 -4.38 7.52 -10.75
C VAL A 14 -5.08 6.62 -11.78
N LYS A 15 -4.57 5.44 -12.06
CA LYS A 15 -5.16 4.46 -12.99
C LYS A 15 -5.31 3.14 -12.28
N VAL A 16 -6.48 2.53 -12.37
CA VAL A 16 -6.80 1.28 -11.69
C VAL A 16 -7.33 0.27 -12.65
N LEU A 17 -6.74 -0.94 -12.57
CA LEU A 17 -7.10 -2.09 -13.39
C LEU A 17 -7.57 -3.25 -12.54
N ASP A 18 -8.45 -4.06 -13.09
CA ASP A 18 -9.02 -5.24 -12.44
C ASP A 18 -8.42 -6.50 -13.09
N ALA A 19 -7.65 -7.25 -12.32
CA ALA A 19 -6.95 -8.45 -12.76
C ALA A 19 -7.82 -9.69 -12.82
N VAL A 20 -9.04 -9.63 -12.35
CA VAL A 20 -9.97 -10.76 -12.47
C VAL A 20 -10.75 -10.71 -13.77
N ARG A 21 -11.23 -9.53 -14.10
CA ARG A 21 -12.05 -9.31 -15.29
C ARG A 21 -11.27 -8.85 -16.46
N GLY A 22 -10.05 -8.40 -16.31
CA GLY A 22 -9.29 -7.86 -17.43
C GLY A 22 -9.84 -6.59 -17.97
N SER A 23 -10.07 -5.63 -17.05
CA SER A 23 -10.80 -4.43 -17.40
C SER A 23 -10.29 -3.32 -16.51
N PRO A 24 -10.57 -2.09 -16.99
CA PRO A 24 -10.47 -0.96 -16.08
C PRO A 24 -11.31 -1.18 -14.86
N ALA A 25 -10.89 -0.67 -13.71
CA ALA A 25 -11.65 -0.68 -12.48
C ALA A 25 -12.38 0.68 -12.40
N ILE A 26 -13.68 0.64 -12.66
CA ILE A 26 -14.51 1.82 -12.87
C ILE A 26 -15.17 2.23 -11.56
N ASN A 27 -15.37 3.53 -11.34
CA ASN A 27 -16.08 4.00 -10.14
C ASN A 27 -15.40 3.67 -8.85
N VAL A 28 -14.07 3.68 -8.88
CA VAL A 28 -13.29 3.40 -7.67
C VAL A 28 -12.96 4.71 -6.97
N ALA A 29 -13.30 4.83 -5.72
CA ALA A 29 -13.01 6.08 -4.95
C ALA A 29 -11.55 6.09 -4.60
N VAL A 30 -10.96 7.27 -4.68
CA VAL A 30 -9.56 7.52 -4.36
C VAL A 30 -9.49 8.74 -3.49
N HIS A 31 -8.82 8.60 -2.34
CA HIS A 31 -8.63 9.70 -1.39
C HIS A 31 -7.17 9.96 -1.22
N VAL A 32 -6.76 11.22 -1.36
CA VAL A 32 -5.38 11.62 -1.21
C VAL A 32 -5.26 12.50 0.04
N PHE A 33 -4.24 12.20 0.84
CA PHE A 33 -3.93 12.94 2.04
C PHE A 33 -2.50 13.50 1.94
N ARG A 34 -2.21 14.51 2.71
CA ARG A 34 -0.88 15.07 2.82
C ARG A 34 -0.52 15.26 4.26
N LYS A 35 0.69 14.91 4.61
CA LYS A 35 1.14 15.00 6.05
C LYS A 35 1.25 16.46 6.42
N ALA A 36 0.64 16.84 7.52
CA ALA A 36 0.69 18.18 8.05
C ALA A 36 1.92 18.40 8.93
N ALA A 37 2.12 19.65 9.34
CA ALA A 37 3.28 19.97 10.14
C ALA A 37 3.26 19.27 11.50
N ASP A 38 2.08 18.93 11.96
CA ASP A 38 1.98 18.27 13.24
C ASP A 38 2.00 16.78 13.04
N ASP A 39 2.35 16.31 11.85
CA ASP A 39 2.58 14.87 11.58
C ASP A 39 1.33 14.06 11.43
N THR A 40 0.17 14.70 11.30
CA THR A 40 -1.06 13.95 10.95
C THR A 40 -1.43 14.10 9.46
N TRP A 41 -2.34 13.28 9.01
CA TRP A 41 -2.71 13.26 7.62
C TRP A 41 -3.85 14.19 7.50
N GLU A 42 -3.72 15.14 6.61
CA GLU A 42 -4.75 16.08 6.32
C GLU A 42 -5.32 15.74 4.93
N PRO A 43 -6.60 15.99 4.73
CA PRO A 43 -7.17 15.77 3.41
C PRO A 43 -6.56 16.65 2.38
N PHE A 44 -6.36 16.11 1.19
CA PHE A 44 -5.77 16.86 0.12
C PHE A 44 -6.64 16.88 -1.14
N ALA A 45 -7.15 15.76 -1.59
CA ALA A 45 -8.00 15.67 -2.70
C ALA A 45 -8.66 14.32 -2.79
N SER A 46 -9.75 14.19 -3.55
CA SER A 46 -10.39 12.92 -3.72
C SER A 46 -11.15 12.91 -5.05
N GLY A 47 -11.48 11.72 -5.57
CA GLY A 47 -12.23 11.59 -6.76
C GLY A 47 -12.54 10.12 -7.03
N LYS A 48 -13.03 9.83 -8.21
CA LYS A 48 -13.45 8.49 -8.58
C LYS A 48 -12.94 8.19 -9.96
N THR A 49 -12.56 6.95 -10.22
CA THR A 49 -12.11 6.54 -11.58
C THR A 49 -13.25 6.54 -12.53
N SER A 50 -12.94 6.90 -13.74
CA SER A 50 -13.85 6.93 -14.88
C SER A 50 -14.06 5.55 -15.49
N GLU A 51 -14.75 5.53 -16.63
CA GLU A 51 -15.02 4.28 -17.36
C GLU A 51 -13.74 3.68 -17.95
N SER A 52 -12.69 4.49 -18.05
CA SER A 52 -11.37 4.00 -18.48
C SER A 52 -10.49 3.60 -17.30
N GLY A 53 -10.99 3.68 -16.08
CA GLY A 53 -10.18 3.36 -14.93
C GLY A 53 -9.27 4.47 -14.50
N GLU A 54 -9.35 5.62 -15.12
CA GLU A 54 -8.47 6.77 -14.84
C GLU A 54 -9.14 7.79 -14.01
N LEU A 55 -8.33 8.50 -13.21
CA LEU A 55 -8.78 9.62 -12.43
C LEU A 55 -7.83 10.75 -12.65
N HIS A 56 -8.31 11.76 -13.36
CA HIS A 56 -7.63 13.00 -13.68
C HIS A 56 -8.25 14.11 -12.83
N GLY A 57 -7.58 15.20 -12.72
CA GLY A 57 -8.14 16.35 -12.13
C GLY A 57 -8.14 16.37 -10.62
N LEU A 58 -7.38 15.53 -9.99
CA LEU A 58 -7.28 15.55 -8.54
C LEU A 58 -6.77 16.87 -8.03
N THR A 59 -5.73 17.39 -8.68
CA THR A 59 -5.04 18.58 -8.16
C THR A 59 -4.48 19.42 -9.27
N THR A 60 -3.78 20.47 -8.93
CA THR A 60 -3.23 21.46 -9.84
C THR A 60 -1.77 21.65 -9.51
N GLU A 61 -1.03 22.24 -10.41
CA GLU A 61 0.37 22.55 -10.19
C GLU A 61 0.53 23.50 -8.99
N GLU A 62 -0.42 24.38 -8.78
CA GLU A 62 -0.32 25.30 -7.64
C GLU A 62 -0.56 24.62 -6.30
N GLU A 63 -1.51 23.72 -6.25
CA GLU A 63 -1.92 23.06 -5.02
C GLU A 63 -0.94 21.96 -4.60
N PHE A 64 -0.35 21.29 -5.57
CA PHE A 64 0.47 20.09 -5.34
C PHE A 64 1.87 20.48 -5.01
N VAL A 65 2.06 20.93 -3.81
CA VAL A 65 3.39 21.36 -3.30
C VAL A 65 4.20 20.16 -2.84
N GLU A 66 5.42 20.41 -2.40
CA GLU A 66 6.21 19.33 -1.77
C GLU A 66 5.44 18.81 -0.57
N GLY A 67 5.63 17.54 -0.27
CA GLY A 67 5.08 16.96 0.92
C GLY A 67 5.14 15.48 0.86
N ILE A 68 4.68 14.84 1.90
CA ILE A 68 4.47 13.38 1.95
C ILE A 68 3.02 13.14 1.72
N TYR A 69 2.69 12.41 0.68
CA TYR A 69 1.32 12.15 0.26
C TYR A 69 0.96 10.69 0.43
N LYS A 70 -0.30 10.44 0.74
CA LYS A 70 -0.86 9.13 0.80
C LYS A 70 -2.03 9.07 -0.19
N VAL A 71 -2.01 8.11 -1.09
CA VAL A 71 -3.12 7.84 -2.00
C VAL A 71 -3.79 6.56 -1.56
N GLU A 72 -5.05 6.62 -1.10
CA GLU A 72 -5.79 5.48 -0.61
C GLU A 72 -6.86 5.16 -1.64
N ILE A 73 -6.76 4.02 -2.24
CA ILE A 73 -7.67 3.55 -3.26
C ILE A 73 -8.65 2.63 -2.58
N ASP A 74 -9.96 2.92 -2.68
CA ASP A 74 -10.99 2.17 -1.97
C ASP A 74 -11.34 0.88 -2.69
N THR A 75 -10.44 -0.06 -2.56
CA THR A 75 -10.61 -1.35 -3.16
C THR A 75 -11.68 -2.20 -2.47
N LYS A 76 -11.90 -1.97 -1.19
CA LYS A 76 -12.89 -2.78 -0.50
C LYS A 76 -14.27 -2.48 -1.08
N SER A 77 -14.64 -1.22 -1.27
CA SER A 77 -15.94 -0.91 -1.83
C SER A 77 -16.09 -1.38 -3.26
N TYR A 78 -15.01 -1.34 -4.03
CA TYR A 78 -15.00 -1.84 -5.41
C TYR A 78 -15.40 -3.31 -5.44
N TRP A 79 -14.72 -4.15 -4.66
CA TRP A 79 -14.99 -5.55 -4.65
C TRP A 79 -16.39 -5.84 -4.14
N LYS A 80 -16.78 -5.17 -3.08
CA LYS A 80 -18.10 -5.39 -2.46
C LYS A 80 -19.23 -5.03 -3.39
N ALA A 81 -18.99 -4.05 -4.24
CA ALA A 81 -20.02 -3.67 -5.21
C ALA A 81 -20.16 -4.74 -6.30
N LEU A 82 -19.11 -5.51 -6.54
CA LEU A 82 -19.11 -6.62 -7.54
C LEU A 82 -19.56 -7.89 -6.85
N GLY A 83 -19.94 -7.81 -5.60
CA GLY A 83 -20.45 -8.90 -4.83
C GLY A 83 -19.41 -9.85 -4.33
N ILE A 84 -18.18 -9.35 -4.18
CA ILE A 84 -17.02 -10.15 -3.75
C ILE A 84 -16.53 -9.67 -2.39
N SER A 85 -16.16 -10.60 -1.53
CA SER A 85 -15.61 -10.27 -0.18
C SER A 85 -14.10 -10.13 -0.31
N PRO A 86 -13.52 -8.93 -0.31
CA PRO A 86 -12.05 -8.83 -0.51
C PRO A 86 -11.31 -8.88 0.78
N PHE A 87 -10.02 -9.00 0.66
CA PHE A 87 -9.13 -9.06 1.79
C PHE A 87 -8.71 -7.68 2.35
N HIS A 88 -8.25 -6.80 1.47
CA HIS A 88 -7.67 -5.53 1.92
C HIS A 88 -8.74 -4.46 2.09
N GLU A 89 -8.48 -3.52 2.94
CA GLU A 89 -9.31 -2.35 3.11
C GLU A 89 -9.08 -1.36 1.99
N HIS A 90 -7.87 -1.27 1.49
CA HIS A 90 -7.47 -0.32 0.43
C HIS A 90 -6.17 -0.75 -0.24
N ALA A 91 -5.88 -0.16 -1.40
CA ALA A 91 -4.55 -0.14 -2.00
C ALA A 91 -3.98 1.20 -1.85
N GLU A 92 -2.67 1.29 -1.75
CA GLU A 92 -2.09 2.59 -1.43
C GLU A 92 -0.67 2.82 -1.89
N VAL A 93 -0.27 4.08 -1.85
CA VAL A 93 1.03 4.49 -1.90
C VAL A 93 1.16 5.64 -0.96
N VAL A 94 2.29 5.62 -0.30
CA VAL A 94 2.74 6.79 0.48
C VAL A 94 4.13 7.17 -0.07
N PHE A 95 4.31 8.43 -0.43
CA PHE A 95 5.52 8.87 -1.09
C PHE A 95 5.78 10.34 -0.83
N THR A 96 7.03 10.72 -0.87
CA THR A 96 7.43 12.13 -0.87
C THR A 96 7.39 12.65 -2.29
N ALA A 97 6.70 13.73 -2.50
CA ALA A 97 6.50 14.31 -3.82
C ALA A 97 7.25 15.63 -3.99
N ASN A 98 7.78 15.85 -5.15
CA ASN A 98 8.32 17.18 -5.59
C ASN A 98 9.55 17.64 -4.85
N ASP A 99 10.29 16.72 -4.22
CA ASP A 99 11.45 17.13 -3.36
C ASP A 99 12.57 17.78 -4.19
N SER A 100 12.72 17.37 -5.43
CA SER A 100 13.73 17.92 -6.35
C SER A 100 13.04 18.75 -7.42
N GLY A 101 11.93 19.40 -7.06
CA GLY A 101 11.16 20.18 -7.98
C GLY A 101 9.94 19.41 -8.44
N PRO A 102 9.04 20.14 -9.14
CA PRO A 102 7.79 19.53 -9.54
C PRO A 102 8.03 18.36 -10.48
N ARG A 103 7.26 17.32 -10.32
CA ARG A 103 7.17 16.17 -11.18
C ARG A 103 5.73 15.83 -11.43
N ARG A 104 5.46 15.06 -12.47
CA ARG A 104 4.19 14.46 -12.74
C ARG A 104 4.21 13.00 -12.29
N TYR A 105 3.21 12.60 -11.57
CA TYR A 105 3.10 11.28 -10.97
C TYR A 105 1.88 10.58 -11.48
N THR A 106 2.07 9.37 -12.00
CA THR A 106 0.97 8.46 -12.27
C THR A 106 1.08 7.27 -11.36
N ILE A 107 0.06 7.01 -10.56
CA ILE A 107 -0.01 5.90 -9.68
C ILE A 107 -0.91 4.85 -10.34
N ALA A 108 -0.35 3.73 -10.75
CA ALA A 108 -1.10 2.64 -11.41
C ALA A 108 -1.26 1.51 -10.43
N ALA A 109 -2.52 1.08 -10.25
CA ALA A 109 -2.82 -0.04 -9.33
C ALA A 109 -3.51 -1.18 -10.06
N LEU A 110 -3.17 -2.39 -9.74
CA LEU A 110 -3.74 -3.62 -10.31
C LEU A 110 -4.38 -4.41 -9.19
N LEU A 111 -5.66 -4.71 -9.28
CA LEU A 111 -6.43 -5.27 -8.19
C LEU A 111 -6.88 -6.72 -8.39
N SER A 112 -6.72 -7.51 -7.34
CA SER A 112 -7.34 -8.82 -7.20
C SER A 112 -7.94 -8.87 -5.78
N PRO A 113 -8.85 -9.84 -5.59
CA PRO A 113 -9.53 -9.84 -4.27
C PRO A 113 -8.60 -9.99 -3.08
N TYR A 114 -7.50 -10.73 -3.24
CA TYR A 114 -6.55 -10.97 -2.14
C TYR A 114 -5.17 -10.38 -2.39
N SER A 115 -5.06 -9.45 -3.39
CA SER A 115 -3.76 -8.94 -3.77
C SER A 115 -3.89 -7.62 -4.45
N TYR A 116 -2.84 -6.83 -4.34
CA TYR A 116 -2.78 -5.62 -5.20
C TYR A 116 -1.30 -5.33 -5.46
N SER A 117 -1.12 -4.67 -6.56
CA SER A 117 0.17 -4.05 -6.84
CA SER A 117 0.17 -4.12 -6.99
C SER A 117 0.05 -2.63 -7.29
N THR A 118 1.07 -1.88 -6.99
CA THR A 118 1.07 -0.48 -7.44
C THR A 118 2.45 -0.17 -7.99
N THR A 119 2.42 0.69 -8.99
CA THR A 119 3.60 1.33 -9.53
CA THR A 119 3.64 1.29 -9.58
C THR A 119 3.48 2.81 -9.73
N ALA A 120 4.59 3.51 -9.65
CA ALA A 120 4.63 4.93 -9.93
C ALA A 120 5.40 5.17 -11.19
N VAL A 121 4.86 6.04 -12.02
CA VAL A 121 5.56 6.57 -13.18
C VAL A 121 5.76 8.04 -12.96
N VAL A 122 7.00 8.48 -12.87
CA VAL A 122 7.35 9.85 -12.47
C VAL A 122 8.07 10.49 -13.64
N THR A 123 7.55 11.58 -14.16
CA THR A 123 8.15 12.32 -15.22
C THR A 123 8.42 13.75 -14.88
N ASN A 124 9.34 14.38 -15.58
CA ASN A 124 9.75 15.75 -15.26
C ASN A 124 9.16 16.62 -16.33
N PRO A 125 8.25 17.54 -15.95
CA PRO A 125 7.50 18.35 -16.91
N PRO B 11 -0.11 -17.42 13.78
CA PRO B 11 -1.30 -16.92 13.07
C PRO B 11 -0.97 -15.90 12.04
N LEU B 12 0.13 -15.15 12.19
CA LEU B 12 0.49 -14.08 11.26
C LEU B 12 1.95 -14.14 10.94
N MET B 13 2.28 -14.23 9.67
CA MET B 13 3.65 -14.28 9.21
C MET B 13 3.78 -13.26 8.06
N VAL B 14 4.94 -12.64 7.90
CA VAL B 14 5.20 -11.72 6.82
C VAL B 14 6.40 -12.25 6.05
N LYS B 15 6.34 -12.25 4.73
CA LYS B 15 7.44 -12.68 3.89
C LYS B 15 7.71 -11.63 2.83
N VAL B 16 8.95 -11.25 2.64
CA VAL B 16 9.31 -10.14 1.74
C VAL B 16 10.39 -10.59 0.78
N LEU B 17 10.17 -10.29 -0.51
CA LEU B 17 11.10 -10.61 -1.59
C LEU B 17 11.56 -9.35 -2.28
N ASP B 18 12.76 -9.39 -2.86
CA ASP B 18 13.37 -8.27 -3.59
C ASP B 18 13.45 -8.59 -5.09
N ALA B 19 12.72 -7.85 -5.89
CA ALA B 19 12.61 -8.09 -7.34
C ALA B 19 13.80 -7.58 -8.14
N VAL B 20 14.64 -6.73 -7.53
CA VAL B 20 15.82 -6.16 -8.15
C VAL B 20 16.98 -7.09 -8.06
N ARG B 21 17.22 -7.62 -6.88
CA ARG B 21 18.34 -8.48 -6.63
C ARG B 21 18.00 -9.95 -6.73
N GLY B 22 16.74 -10.29 -6.79
CA GLY B 22 16.31 -11.65 -6.90
C GLY B 22 16.64 -12.45 -5.68
N SER B 23 16.19 -11.94 -4.53
CA SER B 23 16.57 -12.49 -3.24
C SER B 23 15.46 -12.24 -2.23
N PRO B 24 15.53 -12.99 -1.10
CA PRO B 24 14.77 -12.53 0.07
C PRO B 24 15.16 -11.12 0.43
N ALA B 25 14.21 -10.34 0.97
CA ALA B 25 14.54 -9.04 1.51
C ALA B 25 14.84 -9.20 2.99
N ILE B 26 16.10 -9.09 3.32
CA ILE B 26 16.62 -9.38 4.59
C ILE B 26 16.72 -8.16 5.44
N ASN B 27 16.43 -8.27 6.70
CA ASN B 27 16.58 -7.19 7.69
C ASN B 27 15.67 -6.01 7.42
N VAL B 28 14.48 -6.30 6.90
CA VAL B 28 13.45 -5.29 6.70
C VAL B 28 12.61 -5.16 7.94
N ALA B 29 12.47 -3.92 8.44
CA ALA B 29 11.60 -3.64 9.58
C ALA B 29 10.14 -3.69 9.19
N VAL B 30 9.37 -4.36 10.04
CA VAL B 30 7.96 -4.53 9.85
C VAL B 30 7.26 -4.18 11.14
N HIS B 31 6.24 -3.31 11.05
CA HIS B 31 5.42 -2.99 12.23
C HIS B 31 3.97 -3.29 11.91
N VAL B 32 3.30 -3.94 12.83
CA VAL B 32 1.89 -4.25 12.70
C VAL B 32 1.13 -3.43 13.73
N PHE B 33 0.03 -2.92 13.28
CA PHE B 33 -0.87 -2.06 14.09
C PHE B 33 -2.30 -2.65 13.99
N ARG B 34 -3.06 -2.44 15.03
CA ARG B 34 -4.51 -2.80 15.05
C ARG B 34 -5.32 -1.55 15.21
N LYS B 35 -6.43 -1.45 14.51
CA LYS B 35 -7.20 -0.21 14.52
C LYS B 35 -8.00 -0.18 15.80
N ALA B 36 -7.87 0.94 16.53
CA ALA B 36 -8.55 1.16 17.78
C ALA B 36 -9.95 1.74 17.52
N ALA B 37 -10.75 1.79 18.58
CA ALA B 37 -12.15 2.31 18.47
C ALA B 37 -12.23 3.78 18.01
N ASP B 38 -11.22 4.59 18.32
CA ASP B 38 -11.17 5.97 17.85
C ASP B 38 -10.57 6.13 16.47
N ASP B 39 -10.50 5.05 15.70
CA ASP B 39 -9.92 5.03 14.32
C ASP B 39 -8.37 5.27 14.29
N THR B 40 -7.72 5.26 15.46
CA THR B 40 -6.23 5.31 15.49
C THR B 40 -5.58 3.92 15.44
N TRP B 41 -4.28 3.92 15.19
CA TRP B 41 -3.51 2.69 14.97
C TRP B 41 -2.69 2.38 16.19
N GLU B 42 -3.00 1.30 16.86
CA GLU B 42 -2.38 0.92 18.10
C GLU B 42 -1.25 -0.08 17.71
N PRO B 43 0.01 0.18 18.12
CA PRO B 43 1.02 -0.83 17.91
C PRO B 43 0.61 -2.21 18.44
N PHE B 44 0.90 -3.25 17.66
CA PHE B 44 0.48 -4.60 17.94
C PHE B 44 1.63 -5.61 17.96
N ALA B 45 2.57 -5.50 16.98
CA ALA B 45 3.71 -6.50 16.83
C ALA B 45 4.70 -5.83 15.92
N SER B 46 5.95 -6.20 16.01
CA SER B 46 6.94 -5.78 15.05
C SER B 46 8.17 -6.69 15.08
N GLY B 47 9.02 -6.52 14.07
CA GLY B 47 10.24 -7.32 13.99
C GLY B 47 10.97 -6.99 12.69
N LYS B 48 12.04 -7.74 12.45
CA LYS B 48 12.81 -7.63 11.22
C LYS B 48 12.86 -8.97 10.50
N THR B 49 12.75 -8.96 9.18
CA THR B 49 12.80 -10.17 8.42
C THR B 49 14.17 -10.83 8.58
N SER B 50 14.15 -12.13 8.54
CA SER B 50 15.32 -12.98 8.71
C SER B 50 16.05 -13.12 7.36
N GLU B 51 17.10 -13.95 7.33
CA GLU B 51 17.86 -14.26 6.07
C GLU B 51 17.04 -14.86 4.99
N SER B 52 15.90 -15.45 5.35
CA SER B 52 14.97 -16.03 4.41
C SER B 52 13.90 -15.03 3.93
N GLY B 53 13.94 -13.81 4.46
CA GLY B 53 12.94 -12.82 4.15
C GLY B 53 11.70 -12.96 4.95
N GLU B 54 11.70 -13.82 5.96
CA GLU B 54 10.46 -14.14 6.70
C GLU B 54 10.53 -13.55 8.07
N LEU B 55 9.38 -13.24 8.60
CA LEU B 55 9.22 -12.73 9.93
C LEU B 55 8.12 -13.54 10.59
N HIS B 56 8.53 -14.44 11.47
CA HIS B 56 7.70 -15.33 12.23
C HIS B 56 7.63 -14.82 13.69
N GLY B 57 6.69 -15.34 14.45
CA GLY B 57 6.66 -15.01 15.86
C GLY B 57 6.09 -13.67 16.22
N LEU B 58 5.37 -13.03 15.34
CA LEU B 58 4.81 -11.71 15.56
C LEU B 58 3.77 -11.77 16.65
N THR B 59 2.92 -12.81 16.64
CA THR B 59 1.82 -12.78 17.61
C THR B 59 1.45 -14.19 18.02
N THR B 60 0.46 -14.31 18.90
CA THR B 60 -0.11 -15.59 19.31
C THR B 60 -1.57 -15.65 18.96
N GLU B 61 -2.16 -16.84 18.97
CA GLU B 61 -3.55 -16.99 18.67
C GLU B 61 -4.41 -16.15 19.62
N GLU B 62 -4.05 -16.11 20.92
CA GLU B 62 -4.88 -15.46 21.90
C GLU B 62 -4.84 -13.95 21.66
N GLU B 63 -3.72 -13.38 21.14
CA GLU B 63 -3.62 -11.95 20.93
C GLU B 63 -4.28 -11.50 19.65
N PHE B 64 -4.30 -12.35 18.66
CA PHE B 64 -4.73 -11.97 17.30
C PHE B 64 -6.21 -12.13 17.09
N VAL B 65 -6.95 -11.12 17.49
CA VAL B 65 -8.42 -11.13 17.42
C VAL B 65 -8.92 -10.52 16.10
N GLU B 66 -10.17 -10.76 15.72
CA GLU B 66 -10.71 -10.11 14.57
C GLU B 66 -10.53 -8.62 14.66
N GLY B 67 -10.45 -7.92 13.52
CA GLY B 67 -10.32 -6.47 13.53
C GLY B 67 -9.55 -6.08 12.27
N ILE B 68 -9.24 -4.81 12.17
CA ILE B 68 -8.52 -4.24 11.07
C ILE B 68 -7.08 -4.06 11.45
N TYR B 69 -6.19 -4.54 10.61
CA TYR B 69 -4.75 -4.52 10.91
C TYR B 69 -4.04 -3.83 9.82
N LYS B 70 -2.92 -3.17 10.16
CA LYS B 70 -2.02 -2.59 9.23
C LYS B 70 -0.64 -3.18 9.41
N VAL B 71 -0.06 -3.69 8.31
CA VAL B 71 1.31 -4.12 8.29
C VAL B 71 2.12 -3.09 7.51
N GLU B 72 3.00 -2.39 8.21
CA GLU B 72 3.84 -1.31 7.62
C GLU B 72 5.23 -1.93 7.42
N ILE B 73 5.66 -2.02 6.18
CA ILE B 73 6.98 -2.56 5.82
C ILE B 73 7.88 -1.38 5.47
N ASP B 74 9.01 -1.24 6.16
CA ASP B 74 9.88 -0.10 5.92
C ASP B 74 10.79 -0.32 4.70
N THR B 75 10.18 -0.18 3.55
CA THR B 75 10.84 -0.37 2.28
C THR B 75 11.91 0.70 2.01
N LYS B 76 11.66 1.92 2.43
CA LYS B 76 12.60 3.01 2.18
C LYS B 76 13.95 2.75 2.83
N SER B 77 13.94 2.32 4.08
CA SER B 77 15.19 2.00 4.77
C SER B 77 15.92 0.81 4.13
N TYR B 78 15.14 -0.16 3.67
CA TYR B 78 15.67 -1.33 2.97
C TYR B 78 16.45 -0.93 1.74
N TRP B 79 15.83 -0.13 0.88
CA TRP B 79 16.47 0.26 -0.36
C TRP B 79 17.64 1.09 -0.09
N LYS B 80 17.57 2.00 0.87
CA LYS B 80 18.72 2.88 1.13
C LYS B 80 19.88 2.10 1.68
N ALA B 81 19.63 1.06 2.45
CA ALA B 81 20.72 0.27 2.99
C ALA B 81 21.43 -0.52 1.85
N LEU B 82 20.78 -0.71 0.72
CA LEU B 82 21.34 -1.37 -0.46
C LEU B 82 21.89 -0.37 -1.49
N GLY B 83 21.78 0.91 -1.22
CA GLY B 83 22.30 1.92 -2.13
C GLY B 83 21.37 2.18 -3.29
N ILE B 84 20.11 1.85 -3.16
CA ILE B 84 19.17 1.96 -4.30
C ILE B 84 18.12 3.00 -4.00
N SER B 85 17.82 3.85 -4.96
CA SER B 85 16.92 4.96 -4.78
C SER B 85 15.41 4.54 -4.79
N PRO B 86 14.68 4.75 -3.67
CA PRO B 86 13.32 4.28 -3.57
C PRO B 86 12.25 5.36 -3.80
N PHE B 87 11.03 5.00 -4.20
CA PHE B 87 9.90 5.92 -4.33
C PHE B 87 9.03 5.99 -3.11
N HIS B 88 8.61 4.88 -2.52
CA HIS B 88 7.65 4.90 -1.43
C HIS B 88 8.32 5.16 -0.11
N GLU B 89 7.56 5.72 0.82
CA GLU B 89 7.98 5.87 2.18
C GLU B 89 8.06 4.50 2.83
N HIS B 90 7.09 3.66 2.56
CA HIS B 90 6.91 2.38 3.16
C HIS B 90 5.87 1.77 2.42
N ALA B 91 5.59 0.52 2.72
CA ALA B 91 4.35 -0.11 2.22
C ALA B 91 3.45 -0.37 3.36
N GLU B 92 2.17 -0.02 3.25
CA GLU B 92 1.16 -0.17 4.31
C GLU B 92 0.11 -1.14 3.78
N VAL B 93 0.03 -2.34 4.34
CA VAL B 93 -0.90 -3.33 3.89
C VAL B 93 -2.03 -3.44 4.95
N VAL B 94 -3.25 -3.03 4.59
CA VAL B 94 -4.30 -2.94 5.61
C VAL B 94 -5.41 -3.92 5.24
N PHE B 95 -5.87 -4.68 6.23
CA PHE B 95 -6.79 -5.79 5.97
C PHE B 95 -7.64 -6.11 7.17
N THR B 96 -8.73 -6.82 6.91
CA THR B 96 -9.61 -7.23 8.00
C THR B 96 -9.38 -8.70 8.30
N ALA B 97 -9.11 -9.02 9.57
CA ALA B 97 -9.01 -10.43 9.99
C ALA B 97 -10.41 -10.91 10.39
N ASN B 98 -10.86 -12.00 9.77
CA ASN B 98 -12.19 -12.59 10.06
C ASN B 98 -12.01 -14.03 10.55
N GLY B 101 -13.45 -20.02 10.45
CA GLY B 101 -12.88 -21.22 11.07
C GLY B 101 -11.37 -21.12 11.25
N PRO B 102 -10.62 -22.23 11.36
CA PRO B 102 -9.19 -22.18 11.60
C PRO B 102 -8.44 -21.46 10.47
N ARG B 103 -7.60 -20.49 10.82
CA ARG B 103 -6.93 -19.67 9.76
C ARG B 103 -5.53 -19.16 10.17
N ARG B 104 -4.59 -19.23 9.23
CA ARG B 104 -3.26 -18.65 9.42
C ARG B 104 -3.10 -17.66 8.28
N TYR B 105 -2.49 -16.52 8.57
CA TYR B 105 -2.34 -15.46 7.55
C TYR B 105 -0.87 -15.24 7.23
N THR B 106 -0.56 -15.26 5.95
CA THR B 106 0.77 -14.84 5.50
C THR B 106 0.56 -13.63 4.61
N ILE B 107 1.28 -12.58 4.95
CA ILE B 107 1.28 -11.38 4.14
C ILE B 107 2.57 -11.39 3.40
N ALA B 108 2.51 -11.52 2.09
CA ALA B 108 3.69 -11.62 1.27
C ALA B 108 3.83 -10.35 0.43
N ALA B 109 5.03 -9.83 0.30
CA ALA B 109 5.26 -8.63 -0.49
C ALA B 109 6.47 -8.81 -1.37
N LEU B 110 6.36 -8.26 -2.58
CA LEU B 110 7.44 -8.27 -3.55
C LEU B 110 7.80 -6.85 -3.86
N LEU B 111 9.05 -6.47 -3.62
CA LEU B 111 9.49 -5.11 -3.66
C LEU B 111 10.34 -4.74 -4.87
N SER B 112 10.03 -3.64 -5.46
CA SER B 112 10.89 -2.92 -6.42
C SER B 112 10.93 -1.44 -5.99
N PRO B 113 11.91 -0.72 -6.52
CA PRO B 113 12.08 0.64 -6.06
C PRO B 113 10.90 1.55 -6.29
N TYR B 114 10.19 1.39 -7.38
CA TYR B 114 9.05 2.25 -7.72
C TYR B 114 7.75 1.46 -7.80
N SER B 115 7.72 0.26 -7.20
CA SER B 115 6.54 -0.59 -7.23
C SER B 115 6.62 -1.60 -6.15
N TYR B 116 5.48 -1.95 -5.59
CA TYR B 116 5.39 -3.18 -4.79
CA TYR B 116 5.39 -3.16 -4.78
C TYR B 116 4.08 -3.93 -5.01
N SER B 117 4.13 -5.21 -4.74
CA SER B 117 2.93 -6.05 -4.79
C SER B 117 2.80 -6.77 -3.46
N THR B 118 1.56 -6.98 -3.06
CA THR B 118 1.34 -7.74 -1.86
C THR B 118 0.19 -8.68 -2.12
N THR B 119 0.26 -9.81 -1.49
CA THR B 119 -0.84 -10.82 -1.47
CA THR B 119 -0.82 -10.83 -1.52
C THR B 119 -1.02 -11.47 -0.14
N ALA B 120 -2.23 -11.93 0.13
CA ALA B 120 -2.50 -12.64 1.38
C ALA B 120 -2.66 -14.12 1.10
N VAL B 121 -2.02 -14.95 1.89
CA VAL B 121 -2.17 -16.43 1.78
C VAL B 121 -2.87 -16.82 3.08
N VAL B 122 -4.13 -17.17 2.98
CA VAL B 122 -4.95 -17.50 4.19
C VAL B 122 -5.26 -18.99 4.12
N THR B 123 -4.74 -19.76 5.08
CA THR B 123 -4.86 -21.24 5.05
C THR B 123 -5.55 -21.73 6.33
CA CA C . 12.93 19.98 -1.56
C12 MSR D . 0.02 -1.33 -15.12
C13 MSR D . -0.66 -0.36 -15.85
C14 MSR D . -1.84 0.19 -15.34
O17 MSR D . -2.57 1.09 -16.00
C15 MSR D . -2.31 -0.15 -14.07
C16 MSR D . -1.62 -1.09 -13.35
C11 MSR D . -0.41 -1.65 -13.80
N3 MSR D . 0.25 -2.56 -13.04
C4 MSR D . 0.42 -2.41 -11.76
C5 MSR D . 1.12 -3.53 -11.35
NFE MSR D . 1.29 -4.31 -12.48
C2 MSR D . 0.77 -3.67 -13.54
CA CA E . -16.64 -12.23 11.52
C12 MSR F . 5.29 -13.11 -4.98
C13 MSR F . 4.68 -12.47 -6.01
C14 MSR F . 3.99 -11.26 -5.85
O17 MSR F . 3.41 -10.66 -6.92
C15 MSR F . 3.91 -10.73 -4.60
C16 MSR F . 4.45 -11.45 -3.54
C11 MSR F . 5.21 -12.61 -3.72
N3 MSR F . 5.79 -13.31 -2.78
C4 MSR F . 5.79 -14.65 -2.75
C5 MSR F . 6.45 -14.97 -1.61
NFE MSR F . 6.78 -13.80 -1.02
C2 MSR F . 6.37 -12.70 -1.75
#